data_1QG9
#
_entry.id   1QG9
#
_cell.length_a   1.000
_cell.length_b   1.000
_cell.length_c   1.000
_cell.angle_alpha   90.00
_cell.angle_beta   90.00
_cell.angle_gamma   90.00
#
_symmetry.space_group_name_H-M   'P 1'
#
_entity_poly.entity_id   1
_entity_poly.type   'polypeptide(L)'
_entity_poly.pdbx_seq_one_letter_code
;NVEYTFTGIYTFESLIKILAR
;
_entity_poly.pdbx_strand_id   A
#
# COMPACT_ATOMS: atom_id res chain seq x y z
N ASN A 1 0.09 2.01 -10.24
CA ASN A 1 0.39 3.38 -9.75
C ASN A 1 -0.18 4.44 -10.69
N VAL A 2 -1.37 4.93 -10.37
CA VAL A 2 -2.03 5.95 -11.18
C VAL A 2 -1.87 7.32 -10.57
N GLU A 3 -2.55 7.55 -9.45
CA GLU A 3 -2.49 8.84 -8.76
C GLU A 3 -1.83 8.70 -7.39
N TYR A 4 -2.30 7.73 -6.62
CA TYR A 4 -1.76 7.48 -5.28
C TYR A 4 -0.38 6.83 -5.36
N THR A 5 0.66 7.65 -5.23
CA THR A 5 2.02 7.15 -5.29
C THR A 5 2.52 6.77 -3.90
N PHE A 6 2.97 7.76 -3.14
CA PHE A 6 3.47 7.55 -1.79
C PHE A 6 2.50 6.69 -0.97
N THR A 7 1.33 7.26 -0.70
CA THR A 7 0.31 6.56 0.07
C THR A 7 0.01 5.21 -0.55
N GLY A 8 0.00 5.16 -1.89
CA GLY A 8 -0.26 3.92 -2.59
C GLY A 8 0.67 2.82 -2.11
N ILE A 9 1.92 3.19 -1.87
CA ILE A 9 2.92 2.25 -1.39
C ILE A 9 2.54 1.75 0.00
N TYR A 10 2.15 2.69 0.85
CA TYR A 10 1.78 2.39 2.22
C TYR A 10 0.46 1.62 2.30
N THR A 11 -0.50 2.02 1.50
CA THR A 11 -1.79 1.35 1.46
C THR A 11 -1.57 -0.10 1.03
N PHE A 12 -0.90 -0.23 -0.09
CA PHE A 12 -0.57 -1.52 -0.65
C PHE A 12 0.32 -2.28 0.31
N GLU A 13 1.11 -1.54 1.10
CA GLU A 13 1.98 -2.18 2.07
C GLU A 13 1.15 -2.95 3.07
N SER A 14 0.00 -2.38 3.43
CA SER A 14 -0.90 -3.05 4.36
C SER A 14 -1.44 -4.32 3.70
N LEU A 15 -1.76 -4.20 2.42
CA LEU A 15 -2.24 -5.33 1.64
C LEU A 15 -1.24 -6.46 1.73
N ILE A 16 -0.02 -6.19 1.27
CA ILE A 16 1.07 -7.17 1.30
C ILE A 16 1.18 -7.81 2.68
N LYS A 17 0.89 -7.01 3.71
CA LYS A 17 0.93 -7.48 5.08
C LYS A 17 -0.14 -8.56 5.29
N ILE A 18 -1.25 -8.41 4.59
CA ILE A 18 -2.35 -9.36 4.68
C ILE A 18 -1.92 -10.71 4.13
N LEU A 19 -1.51 -10.72 2.87
CA LEU A 19 -1.09 -11.96 2.22
C LEU A 19 0.22 -12.48 2.83
N ALA A 20 0.94 -11.61 3.54
CA ALA A 20 2.20 -12.00 4.16
C ALA A 20 2.32 -11.41 5.56
N ARG A 21 1.52 -11.93 6.49
CA ARG A 21 1.55 -11.44 7.86
C ARG A 21 2.83 -11.87 8.57
N ASN A 1 -4.03 3.00 -5.70
CA ASN A 1 -3.25 4.09 -6.34
C ASN A 1 -4.05 4.77 -7.45
N VAL A 2 -5.01 5.61 -7.05
CA VAL A 2 -5.85 6.32 -8.01
C VAL A 2 -5.19 7.62 -8.47
N GLU A 3 -4.47 8.26 -7.55
CA GLU A 3 -3.79 9.52 -7.86
C GLU A 3 -2.51 9.65 -7.05
N TYR A 4 -2.65 9.50 -5.73
CA TYR A 4 -1.50 9.60 -4.83
C TYR A 4 -0.66 8.32 -4.90
N THR A 5 0.60 8.46 -5.27
CA THR A 5 1.50 7.32 -5.38
C THR A 5 2.10 6.93 -4.03
N PHE A 6 2.64 7.91 -3.33
CA PHE A 6 3.25 7.67 -2.02
C PHE A 6 2.38 6.81 -1.12
N THR A 7 1.23 7.37 -0.73
CA THR A 7 0.31 6.65 0.14
C THR A 7 0.01 5.27 -0.41
N GLY A 8 -0.12 5.16 -1.73
CA GLY A 8 -0.38 3.88 -2.35
C GLY A 8 0.64 2.85 -1.92
N ILE A 9 1.91 3.23 -1.97
CA ILE A 9 2.99 2.36 -1.55
C ILE A 9 2.72 1.84 -0.14
N TYR A 10 2.30 2.76 0.72
CA TYR A 10 2.00 2.44 2.11
C TYR A 10 0.72 1.62 2.25
N THR A 11 -0.28 2.02 1.50
CA THR A 11 -1.56 1.33 1.51
C THR A 11 -1.34 -0.12 1.10
N PHE A 12 -0.73 -0.24 -0.08
CA PHE A 12 -0.40 -1.53 -0.64
C PHE A 12 0.45 -2.31 0.35
N GLU A 13 1.21 -1.60 1.16
CA GLU A 13 2.04 -2.25 2.16
C GLU A 13 1.13 -3.00 3.12
N SER A 14 -0.02 -2.40 3.44
CA SER A 14 -1.00 -3.04 4.31
C SER A 14 -1.51 -4.30 3.65
N LEU A 15 -1.76 -4.19 2.33
CA LEU A 15 -2.23 -5.31 1.54
C LEU A 15 -1.26 -6.47 1.70
N ILE A 16 -0.01 -6.23 1.31
CA ILE A 16 1.05 -7.22 1.43
C ILE A 16 1.03 -7.90 2.80
N LYS A 17 0.75 -7.11 3.83
CA LYS A 17 0.69 -7.62 5.19
C LYS A 17 -0.36 -8.72 5.28
N ILE A 18 -1.49 -8.50 4.60
CA ILE A 18 -2.56 -9.48 4.57
C ILE A 18 -2.07 -10.78 3.97
N LEU A 19 -1.34 -10.66 2.86
CA LEU A 19 -0.79 -11.82 2.16
C LEU A 19 0.20 -12.56 3.05
N ALA A 20 1.09 -11.81 3.68
CA ALA A 20 2.10 -12.39 4.56
C ALA A 20 1.48 -12.91 5.85
N ARG A 21 0.52 -12.16 6.38
CA ARG A 21 -0.15 -12.55 7.62
C ARG A 21 -1.62 -12.87 7.35
N ASN A 1 0.70 16.73 -8.88
CA ASN A 1 0.43 16.13 -7.56
C ASN A 1 1.64 15.37 -7.05
N VAL A 2 2.31 15.92 -6.04
CA VAL A 2 3.49 15.29 -5.46
C VAL A 2 3.11 14.07 -4.62
N GLU A 3 1.87 14.05 -4.14
CA GLU A 3 1.39 12.94 -3.33
C GLU A 3 0.38 12.09 -4.11
N TYR A 4 0.82 10.91 -4.55
CA TYR A 4 -0.04 10.02 -5.30
C TYR A 4 0.35 8.56 -5.08
N THR A 5 1.59 8.24 -5.43
CA THR A 5 2.10 6.88 -5.29
C THR A 5 2.55 6.60 -3.85
N PHE A 6 3.07 7.64 -3.19
CA PHE A 6 3.54 7.51 -1.81
C PHE A 6 2.54 6.74 -0.94
N THR A 7 1.40 7.33 -0.69
CA THR A 7 0.37 6.69 0.12
C THR A 7 0.04 5.32 -0.44
N GLY A 8 -0.08 5.23 -1.76
CA GLY A 8 -0.38 3.96 -2.40
C GLY A 8 0.59 2.88 -1.96
N ILE A 9 1.87 3.25 -1.89
CA ILE A 9 2.91 2.33 -1.47
C ILE A 9 2.60 1.79 -0.08
N TYR A 10 2.16 2.69 0.79
CA TYR A 10 1.83 2.35 2.17
C TYR A 10 0.53 1.56 2.25
N THR A 11 -0.47 2.01 1.50
CA THR A 11 -1.75 1.32 1.48
C THR A 11 -1.53 -0.12 1.02
N PHE A 12 -0.89 -0.21 -0.13
CA PHE A 12 -0.56 -1.48 -0.73
C PHE A 12 0.33 -2.29 0.22
N GLU A 13 1.06 -1.59 1.08
CA GLU A 13 1.92 -2.27 2.04
C GLU A 13 1.05 -3.06 3.01
N SER A 14 -0.08 -2.46 3.39
CA SER A 14 -1.02 -3.12 4.29
C SER A 14 -1.54 -4.37 3.60
N LEU A 15 -1.81 -4.25 2.31
CA LEU A 15 -2.28 -5.37 1.52
C LEU A 15 -1.27 -6.52 1.64
N ILE A 16 -0.03 -6.24 1.24
CA ILE A 16 1.04 -7.21 1.34
C ILE A 16 1.09 -7.81 2.74
N LYS A 17 0.89 -6.95 3.73
CA LYS A 17 0.91 -7.37 5.12
C LYS A 17 -0.14 -8.46 5.36
N ILE A 18 -1.24 -8.39 4.61
CA ILE A 18 -2.30 -9.37 4.74
C ILE A 18 -1.85 -10.72 4.20
N LEU A 19 -1.44 -10.75 2.93
CA LEU A 19 -0.99 -11.97 2.30
C LEU A 19 0.32 -12.46 2.92
N ALA A 20 1.05 -11.58 3.58
CA ALA A 20 2.31 -11.94 4.22
C ALA A 20 2.15 -13.13 5.15
N ARG A 21 0.99 -13.21 5.80
CA ARG A 21 0.71 -14.30 6.73
C ARG A 21 1.79 -14.39 7.80
N ASN A 1 -0.29 2.75 -12.10
CA ASN A 1 -0.33 3.82 -11.07
C ASN A 1 -0.20 5.21 -11.70
N VAL A 2 -1.28 5.98 -11.65
CA VAL A 2 -1.28 7.33 -12.22
C VAL A 2 -1.45 8.38 -11.14
N GLU A 3 -2.25 8.06 -10.13
CA GLU A 3 -2.50 8.98 -9.02
C GLU A 3 -1.37 8.92 -8.01
N TYR A 4 -1.64 9.39 -6.79
CA TYR A 4 -0.64 9.40 -5.73
C TYR A 4 -0.03 8.01 -5.56
N THR A 5 1.30 7.95 -5.58
CA THR A 5 2.01 6.69 -5.45
C THR A 5 2.48 6.46 -4.02
N PHE A 6 2.95 7.53 -3.38
CA PHE A 6 3.43 7.45 -2.00
C PHE A 6 2.46 6.70 -1.09
N THR A 7 1.32 7.30 -0.83
CA THR A 7 0.32 6.68 0.02
C THR A 7 -0.02 5.29 -0.48
N GLY A 8 -0.03 5.13 -1.80
CA GLY A 8 -0.32 3.83 -2.39
C GLY A 8 0.64 2.79 -1.87
N ILE A 9 1.93 3.15 -1.85
CA ILE A 9 2.97 2.27 -1.35
C ILE A 9 2.60 1.80 0.05
N TYR A 10 2.11 2.74 0.85
CA TYR A 10 1.73 2.46 2.22
C TYR A 10 0.42 1.67 2.27
N THR A 11 -0.52 2.06 1.45
CA THR A 11 -1.80 1.37 1.38
C THR A 11 -1.54 -0.08 1.00
N PHE A 12 -0.86 -0.23 -0.11
CA PHE A 12 -0.48 -1.52 -0.63
C PHE A 12 0.37 -2.26 0.38
N GLU A 13 1.14 -1.52 1.15
CA GLU A 13 1.99 -2.13 2.17
C GLU A 13 1.12 -2.93 3.13
N SER A 14 0.00 -2.35 3.54
CA SER A 14 -0.92 -3.04 4.42
C SER A 14 -1.43 -4.29 3.75
N LEU A 15 -1.73 -4.16 2.45
CA LEU A 15 -2.20 -5.29 1.67
C LEU A 15 -1.18 -6.42 1.76
N ILE A 16 0.04 -6.14 1.32
CA ILE A 16 1.14 -7.12 1.37
C ILE A 16 1.19 -7.82 2.71
N LYS A 17 0.93 -7.07 3.78
CA LYS A 17 0.94 -7.61 5.13
C LYS A 17 -0.14 -8.68 5.27
N ILE A 18 -1.26 -8.47 4.58
CA ILE A 18 -2.37 -9.40 4.62
C ILE A 18 -1.98 -10.74 3.99
N LEU A 19 -1.51 -10.68 2.75
CA LEU A 19 -1.11 -11.89 2.04
C LEU A 19 0.08 -12.57 2.72
N ALA A 20 0.83 -11.80 3.51
CA ALA A 20 1.99 -12.34 4.21
C ALA A 20 1.59 -13.45 5.18
N ARG A 21 0.42 -13.29 5.79
CA ARG A 21 -0.08 -14.28 6.74
C ARG A 21 -0.29 -15.63 6.06
N ASN A 1 -2.19 15.99 -7.59
CA ASN A 1 -0.90 15.68 -8.25
C ASN A 1 0.28 16.04 -7.36
N VAL A 2 0.41 15.33 -6.24
CA VAL A 2 1.51 15.59 -5.30
C VAL A 2 1.98 14.29 -4.65
N GLU A 3 1.04 13.52 -4.13
CA GLU A 3 1.37 12.25 -3.48
C GLU A 3 0.26 11.23 -3.71
N TYR A 4 0.20 10.69 -4.91
CA TYR A 4 -0.82 9.69 -5.26
C TYR A 4 -0.23 8.29 -5.20
N THR A 5 1.07 8.17 -5.46
CA THR A 5 1.74 6.88 -5.44
C THR A 5 2.29 6.57 -4.05
N PHE A 6 2.81 7.60 -3.38
CA PHE A 6 3.37 7.45 -2.04
C PHE A 6 2.40 6.71 -1.13
N THR A 7 1.22 7.27 -0.95
CA THR A 7 0.21 6.66 -0.10
C THR A 7 -0.06 5.24 -0.55
N GLY A 8 -0.10 5.03 -1.86
CA GLY A 8 -0.33 3.71 -2.39
C GLY A 8 0.69 2.72 -1.86
N ILE A 9 1.95 3.15 -1.86
CA ILE A 9 3.03 2.32 -1.34
C ILE A 9 2.70 1.87 0.07
N TYR A 10 2.16 2.79 0.85
CA TYR A 10 1.80 2.52 2.23
C TYR A 10 0.53 1.67 2.32
N THR A 11 -0.44 2.03 1.50
CA THR A 11 -1.70 1.31 1.46
C THR A 11 -1.42 -0.15 1.08
N PHE A 12 -0.75 -0.28 -0.05
CA PHE A 12 -0.38 -1.56 -0.59
C PHE A 12 0.45 -2.32 0.43
N GLU A 13 1.22 -1.60 1.23
CA GLU A 13 2.04 -2.23 2.25
C GLU A 13 1.16 -3.02 3.20
N SER A 14 0.04 -2.41 3.59
CA SER A 14 -0.91 -3.07 4.48
C SER A 14 -1.45 -4.32 3.79
N LEU A 15 -1.78 -4.16 2.51
CA LEU A 15 -2.28 -5.27 1.71
C LEU A 15 -1.28 -6.41 1.75
N ILE A 16 -0.04 -6.09 1.38
CA ILE A 16 1.06 -7.05 1.40
C ILE A 16 1.10 -7.77 2.74
N LYS A 17 0.86 -7.01 3.80
CA LYS A 17 0.85 -7.54 5.15
C LYS A 17 -0.20 -8.63 5.29
N ILE A 18 -1.31 -8.45 4.56
CA ILE A 18 -2.39 -9.42 4.57
C ILE A 18 -1.96 -10.73 3.91
N LEU A 19 -1.55 -10.64 2.65
CA LEU A 19 -1.12 -11.80 1.91
C LEU A 19 0.18 -12.36 2.47
N ALA A 20 0.94 -11.51 3.17
CA ALA A 20 2.20 -11.93 3.76
C ALA A 20 2.03 -13.20 4.59
N ARG A 21 0.97 -13.24 5.38
CA ARG A 21 0.69 -14.39 6.22
C ARG A 21 -0.23 -15.39 5.50
N ASN A 1 7.24 12.44 -6.78
CA ASN A 1 5.96 11.68 -6.90
C ASN A 1 5.39 11.33 -5.52
N VAL A 2 5.01 12.36 -4.77
CA VAL A 2 4.45 12.16 -3.44
C VAL A 2 2.98 12.54 -3.37
N GLU A 3 2.36 12.81 -4.51
CA GLU A 3 0.94 13.18 -4.56
C GLU A 3 0.09 12.11 -3.89
N TYR A 4 -0.19 11.05 -4.63
CA TYR A 4 -1.00 9.95 -4.12
C TYR A 4 -0.24 8.63 -4.14
N THR A 5 0.60 8.44 -5.16
CA THR A 5 1.39 7.22 -5.30
C THR A 5 2.10 6.88 -3.99
N PHE A 6 2.47 7.90 -3.24
CA PHE A 6 3.14 7.71 -1.97
C PHE A 6 2.30 6.84 -1.05
N THR A 7 1.14 7.37 -0.69
CA THR A 7 0.23 6.64 0.19
C THR A 7 -0.06 5.26 -0.38
N GLY A 8 -0.18 5.18 -1.70
CA GLY A 8 -0.43 3.90 -2.35
C GLY A 8 0.62 2.88 -1.96
N ILE A 9 1.86 3.32 -1.96
CA ILE A 9 2.99 2.46 -1.58
C ILE A 9 2.74 1.90 -0.19
N TYR A 10 2.30 2.78 0.70
CA TYR A 10 2.03 2.41 2.08
C TYR A 10 0.75 1.59 2.21
N THR A 11 -0.26 1.98 1.45
CA THR A 11 -1.53 1.27 1.45
C THR A 11 -1.27 -0.18 1.05
N PHE A 12 -0.64 -0.31 -0.10
CA PHE A 12 -0.26 -1.58 -0.65
C PHE A 12 0.56 -2.35 0.39
N GLU A 13 1.34 -1.63 1.18
CA GLU A 13 2.14 -2.28 2.21
C GLU A 13 1.21 -3.04 3.15
N SER A 14 0.06 -2.46 3.44
CA SER A 14 -0.93 -3.10 4.29
C SER A 14 -1.45 -4.34 3.59
N LEU A 15 -1.67 -4.22 2.29
CA LEU A 15 -2.13 -5.34 1.48
C LEU A 15 -1.15 -6.50 1.62
N ILE A 16 0.11 -6.24 1.28
CA ILE A 16 1.17 -7.24 1.41
C ILE A 16 1.12 -7.91 2.78
N LYS A 17 0.78 -7.11 3.78
CA LYS A 17 0.67 -7.59 5.16
C LYS A 17 -0.43 -8.65 5.27
N ILE A 18 -1.54 -8.41 4.59
CA ILE A 18 -2.65 -9.35 4.60
C ILE A 18 -2.21 -10.69 4.02
N LEU A 19 -1.49 -10.63 2.91
CA LEU A 19 -0.99 -11.83 2.25
C LEU A 19 -0.10 -12.63 3.20
N ALA A 20 0.78 -11.93 3.88
CA ALA A 20 1.70 -12.56 4.82
C ALA A 20 0.94 -13.25 5.94
N ARG A 21 0.07 -12.51 6.61
CA ARG A 21 -0.72 -13.06 7.71
C ARG A 21 -1.76 -14.04 7.20
N ASN A 1 -6.82 15.22 -4.93
CA ASN A 1 -7.41 13.90 -4.56
C ASN A 1 -6.79 13.36 -3.28
N VAL A 2 -7.45 12.37 -2.68
CA VAL A 2 -6.97 11.76 -1.44
C VAL A 2 -5.89 10.72 -1.73
N GLU A 3 -5.91 10.16 -2.94
CA GLU A 3 -4.93 9.15 -3.33
C GLU A 3 -3.59 9.79 -3.67
N TYR A 4 -2.56 8.97 -3.76
CA TYR A 4 -1.22 9.45 -4.08
C TYR A 4 -0.24 8.30 -4.24
N THR A 5 0.81 8.52 -5.02
CA THR A 5 1.82 7.49 -5.26
C THR A 5 2.41 7.00 -3.93
N PHE A 6 2.86 7.94 -3.12
CA PHE A 6 3.45 7.62 -1.82
C PHE A 6 2.51 6.76 -0.99
N THR A 7 1.38 7.34 -0.62
CA THR A 7 0.40 6.65 0.19
C THR A 7 0.06 5.28 -0.41
N GLY A 8 -0.06 5.23 -1.74
CA GLY A 8 -0.36 3.97 -2.40
C GLY A 8 0.60 2.89 -1.99
N ILE A 9 1.89 3.20 -2.01
CA ILE A 9 2.93 2.27 -1.60
C ILE A 9 2.62 1.76 -0.20
N TYR A 10 2.19 2.67 0.66
CA TYR A 10 1.87 2.36 2.04
C TYR A 10 0.56 1.58 2.14
N THR A 11 -0.43 1.97 1.34
CA THR A 11 -1.71 1.29 1.33
C THR A 11 -1.47 -0.17 0.96
N PHE A 12 -0.83 -0.33 -0.18
CA PHE A 12 -0.48 -1.63 -0.69
C PHE A 12 0.37 -2.37 0.32
N GLU A 13 1.12 -1.63 1.12
CA GLU A 13 1.95 -2.24 2.15
C GLU A 13 1.07 -3.02 3.11
N SER A 14 -0.04 -2.40 3.52
CA SER A 14 -0.98 -3.06 4.42
C SER A 14 -1.49 -4.33 3.77
N LEU A 15 -1.83 -4.21 2.48
CA LEU A 15 -2.30 -5.34 1.71
C LEU A 15 -1.26 -6.45 1.76
N ILE A 16 -0.04 -6.09 1.36
CA ILE A 16 1.08 -7.02 1.36
C ILE A 16 1.19 -7.71 2.72
N LYS A 17 0.77 -7.01 3.76
CA LYS A 17 0.81 -7.55 5.11
C LYS A 17 -0.24 -8.65 5.27
N ILE A 18 -1.37 -8.46 4.59
CA ILE A 18 -2.45 -9.44 4.63
C ILE A 18 -1.98 -10.78 4.08
N LEU A 19 -1.41 -10.74 2.87
CA LEU A 19 -0.91 -11.94 2.23
C LEU A 19 0.36 -12.42 2.93
N ALA A 20 1.07 -11.48 3.57
CA ALA A 20 2.31 -11.81 4.27
C ALA A 20 2.33 -11.15 5.64
N ARG A 21 1.63 -11.76 6.60
CA ARG A 21 1.59 -11.23 7.96
C ARG A 21 2.98 -10.92 8.49
N ASN A 1 4.55 12.65 -9.49
CA ASN A 1 3.52 12.56 -8.43
C ASN A 1 3.78 13.58 -7.32
N VAL A 2 2.71 14.24 -6.87
CA VAL A 2 2.83 15.24 -5.82
C VAL A 2 2.69 14.59 -4.44
N GLU A 3 1.74 13.65 -4.33
CA GLU A 3 1.50 12.96 -3.07
C GLU A 3 0.38 11.93 -3.22
N TYR A 4 0.45 11.13 -4.27
CA TYR A 4 -0.55 10.11 -4.53
C TYR A 4 0.04 8.70 -4.42
N THR A 5 0.98 8.42 -5.31
CA THR A 5 1.64 7.11 -5.34
C THR A 5 2.23 6.78 -3.98
N PHE A 6 2.70 7.79 -3.27
CA PHE A 6 3.30 7.61 -1.94
C PHE A 6 2.40 6.75 -1.07
N THR A 7 1.24 7.27 -0.74
CA THR A 7 0.29 6.56 0.08
C THR A 7 -0.02 5.19 -0.54
N GLY A 8 -0.03 5.16 -1.87
CA GLY A 8 -0.29 3.90 -2.56
C GLY A 8 0.70 2.84 -2.13
N ILE A 9 1.94 3.25 -1.95
CA ILE A 9 3.00 2.35 -1.51
C ILE A 9 2.69 1.82 -0.12
N TYR A 10 2.30 2.72 0.76
CA TYR A 10 2.00 2.36 2.14
C TYR A 10 0.70 1.58 2.25
N THR A 11 -0.32 2.03 1.55
CA THR A 11 -1.62 1.35 1.55
C THR A 11 -1.41 -0.10 1.14
N PHE A 12 -0.76 -0.24 0.01
CA PHE A 12 -0.44 -1.53 -0.54
C PHE A 12 0.37 -2.32 0.47
N GLU A 13 1.14 -1.61 1.28
CA GLU A 13 1.94 -2.26 2.31
C GLU A 13 1.02 -3.05 3.22
N SER A 14 -0.11 -2.44 3.58
CA SER A 14 -1.09 -3.11 4.41
C SER A 14 -1.62 -4.34 3.69
N LEU A 15 -1.80 -4.20 2.38
CA LEU A 15 -2.26 -5.31 1.56
C LEU A 15 -1.26 -6.45 1.67
N ILE A 16 -0.03 -6.18 1.25
CA ILE A 16 1.06 -7.16 1.32
C ILE A 16 1.09 -7.81 2.71
N LYS A 17 0.85 -6.98 3.73
CA LYS A 17 0.83 -7.45 5.10
C LYS A 17 -0.22 -8.55 5.26
N ILE A 18 -1.33 -8.41 4.55
CA ILE A 18 -2.40 -9.40 4.59
C ILE A 18 -1.92 -10.74 4.05
N LEU A 19 -1.48 -10.73 2.79
CA LEU A 19 -1.00 -11.93 2.15
C LEU A 19 0.27 -12.46 2.81
N ALA A 20 0.98 -11.58 3.53
CA ALA A 20 2.21 -11.96 4.20
C ALA A 20 2.06 -13.28 4.96
N ARG A 21 1.03 -13.36 5.79
CA ARG A 21 0.77 -14.56 6.57
C ARG A 21 -0.01 -15.59 5.75
N ASN A 1 -7.90 14.34 -7.07
CA ASN A 1 -7.00 13.22 -6.67
C ASN A 1 -6.78 13.22 -5.16
N VAL A 2 -7.23 12.15 -4.51
CA VAL A 2 -7.08 12.02 -3.06
C VAL A 2 -5.96 11.04 -2.71
N GLU A 3 -5.99 9.87 -3.33
CA GLU A 3 -4.98 8.85 -3.09
C GLU A 3 -3.86 8.96 -4.11
N TYR A 4 -2.66 9.22 -3.63
CA TYR A 4 -1.50 9.36 -4.51
C TYR A 4 -0.66 8.08 -4.53
N THR A 5 0.36 8.07 -5.37
CA THR A 5 1.24 6.91 -5.51
C THR A 5 1.90 6.55 -4.19
N PHE A 6 2.61 7.50 -3.60
CA PHE A 6 3.30 7.29 -2.33
C PHE A 6 2.40 6.62 -1.31
N THR A 7 1.29 7.27 -1.00
CA THR A 7 0.34 6.72 -0.03
C THR A 7 -0.04 5.30 -0.43
N GLY A 8 -0.03 5.06 -1.74
CA GLY A 8 -0.34 3.74 -2.24
C GLY A 8 0.69 2.73 -1.77
N ILE A 9 1.95 3.16 -1.78
CA ILE A 9 3.05 2.31 -1.31
C ILE A 9 2.75 1.86 0.10
N TYR A 10 2.23 2.77 0.91
CA TYR A 10 1.90 2.50 2.29
C TYR A 10 0.59 1.70 2.38
N THR A 11 -0.38 2.09 1.58
CA THR A 11 -1.66 1.40 1.54
C THR A 11 -1.41 -0.06 1.16
N PHE A 12 -0.78 -0.20 0.01
CA PHE A 12 -0.43 -1.49 -0.53
C PHE A 12 0.39 -2.26 0.48
N GLU A 13 1.18 -1.55 1.27
CA GLU A 13 1.99 -2.19 2.29
C GLU A 13 1.08 -2.97 3.24
N SER A 14 -0.08 -2.37 3.54
CA SER A 14 -1.06 -3.03 4.39
C SER A 14 -1.56 -4.28 3.69
N LEU A 15 -1.78 -4.16 2.39
CA LEU A 15 -2.22 -5.27 1.58
C LEU A 15 -1.22 -6.42 1.71
N ILE A 16 0.01 -6.14 1.29
CA ILE A 16 1.10 -7.12 1.37
C ILE A 16 1.12 -7.81 2.73
N LYS A 17 0.81 -7.02 3.77
CA LYS A 17 0.76 -7.54 5.12
C LYS A 17 -0.25 -8.67 5.20
N ILE A 18 -1.39 -8.47 4.54
CA ILE A 18 -2.45 -9.48 4.51
C ILE A 18 -1.92 -10.77 3.90
N LEU A 19 -1.47 -10.69 2.65
CA LEU A 19 -0.95 -11.86 1.95
C LEU A 19 0.31 -12.41 2.65
N ALA A 20 0.93 -11.59 3.49
CA ALA A 20 2.14 -12.01 4.20
C ALA A 20 1.80 -12.61 5.56
N ARG A 21 0.59 -13.14 5.70
CA ARG A 21 0.16 -13.74 6.96
C ARG A 21 1.15 -14.82 7.41
N ASN A 1 -2.36 15.02 -10.96
CA ASN A 1 -2.09 13.78 -10.20
C ASN A 1 -3.23 13.47 -9.23
N VAL A 2 -4.40 13.16 -9.77
CA VAL A 2 -5.56 12.85 -8.96
C VAL A 2 -5.29 11.67 -8.03
N GLU A 3 -4.60 10.65 -8.56
CA GLU A 3 -4.28 9.46 -7.79
C GLU A 3 -2.85 9.55 -7.23
N TYR A 4 -2.75 9.54 -5.90
CA TYR A 4 -1.44 9.62 -5.24
C TYR A 4 -0.65 8.33 -5.45
N THR A 5 0.65 8.39 -5.22
CA THR A 5 1.52 7.23 -5.39
C THR A 5 2.14 6.81 -4.06
N PHE A 6 2.71 7.78 -3.35
CA PHE A 6 3.34 7.54 -2.05
C PHE A 6 2.42 6.73 -1.14
N THR A 7 1.30 7.32 -0.76
CA THR A 7 0.34 6.67 0.10
C THR A 7 -0.01 5.28 -0.45
N GLY A 8 -0.04 5.17 -1.78
CA GLY A 8 -0.34 3.89 -2.41
C GLY A 8 0.65 2.85 -1.96
N ILE A 9 1.91 3.22 -1.94
CA ILE A 9 2.99 2.34 -1.50
C ILE A 9 2.69 1.83 -0.10
N TYR A 10 2.24 2.74 0.74
CA TYR A 10 1.92 2.43 2.13
C TYR A 10 0.62 1.65 2.25
N THR A 11 -0.38 2.05 1.47
CA THR A 11 -1.65 1.35 1.47
C THR A 11 -1.42 -0.09 1.07
N PHE A 12 -0.78 -0.22 -0.08
CA PHE A 12 -0.43 -1.51 -0.64
C PHE A 12 0.40 -2.27 0.38
N GLU A 13 1.14 -1.55 1.19
CA GLU A 13 1.96 -2.18 2.23
C GLU A 13 1.06 -3.00 3.14
N SER A 14 -0.04 -2.39 3.57
CA SER A 14 -0.99 -3.07 4.43
C SER A 14 -1.49 -4.33 3.73
N LEU A 15 -1.78 -4.19 2.44
CA LEU A 15 -2.23 -5.31 1.64
C LEU A 15 -1.22 -6.45 1.74
N ILE A 16 0.03 -6.16 1.37
CA ILE A 16 1.11 -7.14 1.46
C ILE A 16 1.09 -7.85 2.81
N LYS A 17 0.84 -7.07 3.86
CA LYS A 17 0.78 -7.60 5.21
C LYS A 17 -0.28 -8.70 5.30
N ILE A 18 -1.38 -8.51 4.56
CA ILE A 18 -2.46 -9.47 4.54
C ILE A 18 -1.99 -10.80 3.96
N LEU A 19 -1.46 -10.74 2.73
CA LEU A 19 -0.98 -11.93 2.06
C LEU A 19 0.24 -12.51 2.78
N ALA A 20 0.94 -11.66 3.52
CA ALA A 20 2.12 -12.09 4.26
C ALA A 20 1.98 -11.75 5.74
N ARG A 21 0.89 -12.20 6.34
CA ARG A 21 0.64 -11.95 7.76
C ARG A 21 1.82 -12.40 8.61
N ASN A 1 -6.89 13.47 -1.30
CA ASN A 1 -6.23 12.71 -2.40
C ASN A 1 -7.12 11.59 -2.90
N VAL A 2 -6.83 11.11 -4.10
CA VAL A 2 -7.61 10.02 -4.70
C VAL A 2 -6.74 8.79 -4.92
N GLU A 3 -5.69 8.95 -5.71
CA GLU A 3 -4.77 7.84 -6.00
C GLU A 3 -3.35 8.36 -6.18
N TYR A 4 -2.56 8.31 -5.11
CA TYR A 4 -1.19 8.77 -5.15
C TYR A 4 -0.22 7.61 -5.03
N THR A 5 1.00 7.81 -5.54
CA THR A 5 2.03 6.78 -5.51
C THR A 5 2.52 6.56 -4.07
N PHE A 6 2.80 7.67 -3.39
CA PHE A 6 3.28 7.60 -2.01
C PHE A 6 2.32 6.80 -1.14
N THR A 7 1.14 7.35 -0.92
CA THR A 7 0.14 6.69 -0.11
C THR A 7 -0.08 5.25 -0.56
N GLY A 8 -0.14 5.06 -1.89
CA GLY A 8 -0.33 3.73 -2.44
C GLY A 8 0.70 2.76 -1.88
N ILE A 9 1.95 3.20 -1.90
CA ILE A 9 3.05 2.39 -1.38
C ILE A 9 2.73 1.92 0.04
N TYR A 10 2.21 2.84 0.83
CA TYR A 10 1.87 2.55 2.22
C TYR A 10 0.61 1.72 2.32
N THR A 11 -0.39 2.08 1.53
CA THR A 11 -1.65 1.35 1.50
C THR A 11 -1.36 -0.09 1.10
N PHE A 12 -0.73 -0.22 -0.05
CA PHE A 12 -0.36 -1.50 -0.60
C PHE A 12 0.48 -2.28 0.40
N GLU A 13 1.24 -1.56 1.21
CA GLU A 13 2.07 -2.21 2.22
C GLU A 13 1.18 -2.99 3.18
N SER A 14 0.06 -2.38 3.56
CA SER A 14 -0.88 -3.03 4.46
C SER A 14 -1.43 -4.27 3.78
N LEU A 15 -1.66 -4.16 2.47
CA LEU A 15 -2.16 -5.28 1.68
C LEU A 15 -1.19 -6.44 1.77
N ILE A 16 0.05 -6.20 1.31
CA ILE A 16 1.11 -7.20 1.35
C ILE A 16 1.14 -7.92 2.70
N LYS A 17 0.82 -7.18 3.76
CA LYS A 17 0.77 -7.74 5.10
C LYS A 17 -0.29 -8.81 5.17
N ILE A 18 -1.47 -8.52 4.62
CA ILE A 18 -2.57 -9.45 4.60
C ILE A 18 -2.13 -10.78 4.00
N LEU A 19 -1.59 -10.70 2.80
CA LEU A 19 -1.11 -11.88 2.09
C LEU A 19 0.22 -12.38 2.64
N ALA A 20 0.91 -11.54 3.43
CA ALA A 20 2.19 -11.92 4.00
C ALA A 20 2.03 -12.99 5.07
N ARG A 21 0.88 -13.00 5.73
CA ARG A 21 0.61 -13.97 6.79
C ARG A 21 -0.34 -15.06 6.29
N ASN A 1 -7.87 6.75 -7.03
CA ASN A 1 -6.49 7.18 -6.68
C ASN A 1 -5.64 7.36 -7.93
N VAL A 2 -5.47 8.61 -8.35
CA VAL A 2 -4.67 8.91 -9.54
C VAL A 2 -3.63 9.98 -9.23
N GLU A 3 -4.06 11.03 -8.54
CA GLU A 3 -3.16 12.11 -8.16
C GLU A 3 -2.26 11.74 -6.98
N TYR A 4 -2.38 10.50 -6.49
CA TYR A 4 -1.57 10.06 -5.35
C TYR A 4 -0.69 8.88 -5.74
N THR A 5 0.27 8.58 -4.88
CA THR A 5 1.18 7.46 -5.10
C THR A 5 1.84 7.04 -3.80
N PHE A 6 2.33 8.04 -3.07
CA PHE A 6 2.98 7.80 -1.79
C PHE A 6 2.14 6.89 -0.90
N THR A 7 0.94 7.34 -0.60
CA THR A 7 0.05 6.56 0.25
C THR A 7 -0.16 5.17 -0.34
N GLY A 8 -0.26 5.11 -1.67
CA GLY A 8 -0.44 3.83 -2.33
C GLY A 8 0.64 2.85 -1.92
N ILE A 9 1.88 3.34 -1.89
CA ILE A 9 3.01 2.52 -1.49
C ILE A 9 2.75 1.95 -0.10
N TYR A 10 2.26 2.81 0.77
CA TYR A 10 1.95 2.45 2.14
C TYR A 10 0.73 1.55 2.22
N THR A 11 -0.26 1.86 1.40
CA THR A 11 -1.48 1.07 1.36
C THR A 11 -1.13 -0.33 0.87
N PHE A 12 -0.50 -0.37 -0.29
CA PHE A 12 -0.06 -1.60 -0.90
C PHE A 12 0.79 -2.39 0.07
N GLU A 13 1.45 -1.69 0.99
CA GLU A 13 2.28 -2.35 1.98
C GLU A 13 1.39 -3.07 2.98
N SER A 14 0.27 -2.44 3.33
CA SER A 14 -0.70 -3.05 4.23
C SER A 14 -1.27 -4.29 3.57
N LEU A 15 -1.48 -4.18 2.26
CA LEU A 15 -1.99 -5.28 1.47
C LEU A 15 -1.08 -6.49 1.66
N ILE A 16 0.18 -6.32 1.26
CA ILE A 16 1.19 -7.36 1.42
C ILE A 16 1.14 -7.96 2.82
N LYS A 17 0.80 -7.13 3.80
CA LYS A 17 0.70 -7.57 5.18
C LYS A 17 -0.47 -8.53 5.35
N ILE A 18 -1.54 -8.28 4.62
CA ILE A 18 -2.73 -9.13 4.67
C ILE A 18 -2.40 -10.53 4.18
N LEU A 19 -1.81 -10.62 3.00
CA LEU A 19 -1.45 -11.91 2.42
C LEU A 19 -0.24 -12.51 3.14
N ALA A 20 0.54 -11.67 3.79
CA ALA A 20 1.72 -12.12 4.52
C ALA A 20 1.36 -13.16 5.57
N ARG A 21 0.49 -12.77 6.50
CA ARG A 21 0.06 -13.66 7.57
C ARG A 21 -0.57 -14.94 7.00
N ASN A 1 0.65 12.09 -10.87
CA ASN A 1 -0.12 11.92 -9.61
C ASN A 1 0.83 11.77 -8.41
N VAL A 2 1.38 12.90 -7.97
CA VAL A 2 2.30 12.90 -6.84
C VAL A 2 1.57 12.60 -5.53
N GLU A 3 0.27 12.91 -5.49
CA GLU A 3 -0.54 12.67 -4.31
C GLU A 3 -1.34 11.39 -4.45
N TYR A 4 -0.66 10.26 -4.50
CA TYR A 4 -1.32 8.96 -4.63
C TYR A 4 -0.30 7.82 -4.64
N THR A 5 0.84 8.06 -5.29
CA THR A 5 1.89 7.06 -5.38
C THR A 5 2.48 6.75 -4.00
N PHE A 6 2.83 7.80 -3.27
CA PHE A 6 3.39 7.64 -1.93
C PHE A 6 2.51 6.75 -1.08
N THR A 7 1.32 7.23 -0.77
CA THR A 7 0.38 6.47 0.03
C THR A 7 0.14 5.12 -0.61
N GLY A 8 -0.06 5.14 -1.93
CA GLY A 8 -0.28 3.91 -2.67
C GLY A 8 0.72 2.83 -2.28
N ILE A 9 1.90 3.26 -1.86
CA ILE A 9 2.95 2.35 -1.42
C ILE A 9 2.64 1.89 0.00
N TYR A 10 2.16 2.81 0.82
CA TYR A 10 1.84 2.51 2.20
C TYR A 10 0.57 1.68 2.32
N THR A 11 -0.44 2.08 1.57
CA THR A 11 -1.73 1.37 1.56
C THR A 11 -1.51 -0.07 1.13
N PHE A 12 -0.84 -0.20 0.00
CA PHE A 12 -0.53 -1.49 -0.55
C PHE A 12 0.33 -2.27 0.42
N GLU A 13 1.10 -1.56 1.22
CA GLU A 13 1.93 -2.23 2.21
C GLU A 13 1.05 -3.03 3.15
N SER A 14 -0.06 -2.41 3.56
CA SER A 14 -1.03 -3.08 4.42
C SER A 14 -1.53 -4.33 3.72
N LEU A 15 -1.79 -4.20 2.42
CA LEU A 15 -2.25 -5.32 1.62
C LEU A 15 -1.25 -6.46 1.75
N ILE A 16 -0.02 -6.20 1.29
CA ILE A 16 1.06 -7.18 1.35
C ILE A 16 1.12 -7.86 2.71
N LYS A 17 0.87 -7.07 3.76
CA LYS A 17 0.88 -7.57 5.12
C LYS A 17 -0.16 -8.67 5.28
N ILE A 18 -1.30 -8.49 4.62
CA ILE A 18 -2.37 -9.47 4.67
C ILE A 18 -1.92 -10.79 4.06
N LEU A 19 -1.49 -10.73 2.80
CA LEU A 19 -1.04 -11.92 2.10
C LEU A 19 0.30 -12.43 2.65
N ALA A 20 0.96 -11.63 3.48
CA ALA A 20 2.24 -12.03 4.06
C ALA A 20 2.30 -11.70 5.55
N ARG A 21 1.44 -12.36 6.33
CA ARG A 21 1.40 -12.15 7.76
C ARG A 21 2.76 -12.43 8.40
N ASN A 1 -6.70 13.03 -10.55
CA ASN A 1 -6.05 12.01 -9.68
C ASN A 1 -6.74 11.96 -8.32
N VAL A 2 -6.69 10.79 -7.68
CA VAL A 2 -7.30 10.60 -6.38
C VAL A 2 -6.27 10.16 -5.34
N GLU A 3 -5.52 9.12 -5.67
CA GLU A 3 -4.50 8.60 -4.78
C GLU A 3 -3.11 8.82 -5.37
N TYR A 4 -2.13 9.07 -4.50
CA TYR A 4 -0.76 9.30 -4.94
C TYR A 4 0.10 8.06 -4.74
N THR A 5 1.21 8.00 -5.46
CA THR A 5 2.12 6.86 -5.37
C THR A 5 2.54 6.60 -3.92
N PHE A 6 2.95 7.66 -3.25
CA PHE A 6 3.38 7.58 -1.85
C PHE A 6 2.40 6.77 -1.01
N THR A 7 1.21 7.33 -0.80
CA THR A 7 0.19 6.67 -0.02
C THR A 7 -0.05 5.26 -0.53
N GLY A 8 -0.08 5.11 -1.86
CA GLY A 8 -0.28 3.81 -2.45
C GLY A 8 0.69 2.79 -1.91
N ILE A 9 1.96 3.18 -1.85
CA ILE A 9 3.02 2.33 -1.32
C ILE A 9 2.65 1.86 0.08
N TYR A 10 2.15 2.80 0.88
CA TYR A 10 1.77 2.51 2.25
C TYR A 10 0.49 1.68 2.33
N THR A 11 -0.49 2.04 1.52
CA THR A 11 -1.75 1.32 1.48
C THR A 11 -1.48 -0.11 1.01
N PHE A 12 -0.82 -0.18 -0.13
CA PHE A 12 -0.46 -1.45 -0.74
C PHE A 12 0.43 -2.24 0.20
N GLU A 13 1.14 -1.55 1.09
CA GLU A 13 2.00 -2.25 2.03
C GLU A 13 1.13 -3.02 3.02
N SER A 14 0.03 -2.40 3.43
CA SER A 14 -0.90 -3.04 4.36
C SER A 14 -1.44 -4.29 3.69
N LEU A 15 -1.69 -4.19 2.39
CA LEU A 15 -2.17 -5.32 1.61
C LEU A 15 -1.19 -6.47 1.73
N ILE A 16 0.03 -6.24 1.26
CA ILE A 16 1.10 -7.25 1.33
C ILE A 16 1.16 -7.90 2.70
N LYS A 17 0.93 -7.09 3.73
CA LYS A 17 0.95 -7.59 5.11
C LYS A 17 -0.13 -8.64 5.29
N ILE A 18 -1.27 -8.43 4.65
CA ILE A 18 -2.38 -9.36 4.73
C ILE A 18 -2.02 -10.71 4.14
N LEU A 19 -1.60 -10.69 2.88
CA LEU A 19 -1.21 -11.92 2.19
C LEU A 19 0.05 -12.53 2.80
N ALA A 20 0.84 -11.71 3.47
CA ALA A 20 2.07 -12.17 4.11
C ALA A 20 2.25 -11.55 5.48
N ARG A 21 1.47 -12.01 6.45
CA ARG A 21 1.54 -11.49 7.82
C ARG A 21 2.82 -11.97 8.50
N ASN A 1 -7.46 2.68 -6.74
CA ASN A 1 -5.99 2.93 -6.85
C ASN A 1 -5.59 3.22 -8.29
N VAL A 2 -5.30 4.48 -8.57
CA VAL A 2 -4.90 4.89 -9.92
C VAL A 2 -3.63 5.72 -9.87
N GLU A 3 -3.74 6.92 -9.31
CA GLU A 3 -2.59 7.82 -9.20
C GLU A 3 -2.09 7.88 -7.77
N TYR A 4 -2.15 6.76 -7.07
CA TYR A 4 -1.70 6.68 -5.68
C TYR A 4 -0.32 6.05 -5.60
N THR A 5 0.70 6.91 -5.51
CA THR A 5 2.08 6.45 -5.42
C THR A 5 2.52 6.34 -3.96
N PHE A 6 2.84 7.49 -3.36
CA PHE A 6 3.27 7.52 -1.96
C PHE A 6 2.31 6.74 -1.07
N THR A 7 1.11 7.27 -0.91
CA THR A 7 0.10 6.62 -0.10
C THR A 7 -0.12 5.19 -0.60
N GLY A 8 -0.07 5.02 -1.92
CA GLY A 8 -0.24 3.70 -2.49
C GLY A 8 0.75 2.72 -1.91
N ILE A 9 2.00 3.16 -1.84
CA ILE A 9 3.08 2.36 -1.28
C ILE A 9 2.68 1.88 0.11
N TYR A 10 2.13 2.79 0.89
CA TYR A 10 1.73 2.49 2.25
C TYR A 10 0.47 1.64 2.29
N THR A 11 -0.50 2.00 1.44
CA THR A 11 -1.75 1.25 1.36
C THR A 11 -1.41 -0.19 0.97
N PHE A 12 -0.71 -0.29 -0.14
CA PHE A 12 -0.28 -1.55 -0.68
C PHE A 12 0.56 -2.30 0.35
N GLU A 13 1.20 -1.55 1.24
CA GLU A 13 2.02 -2.17 2.27
C GLU A 13 1.16 -3.05 3.17
N SER A 14 0.14 -2.44 3.79
CA SER A 14 -0.78 -3.19 4.66
C SER A 14 -1.37 -4.35 3.88
N LEU A 15 -1.68 -4.11 2.61
CA LEU A 15 -2.22 -5.14 1.75
C LEU A 15 -1.26 -6.33 1.74
N ILE A 16 -0.01 -6.04 1.38
CA ILE A 16 1.04 -7.05 1.35
C ILE A 16 1.07 -7.81 2.67
N LYS A 17 0.95 -7.05 3.76
CA LYS A 17 0.95 -7.62 5.09
C LYS A 17 -0.15 -8.66 5.24
N ILE A 18 -1.28 -8.43 4.57
CA ILE A 18 -2.39 -9.35 4.61
C ILE A 18 -2.06 -10.67 3.93
N LEU A 19 -1.62 -10.57 2.69
CA LEU A 19 -1.26 -11.74 1.91
C LEU A 19 -0.01 -12.44 2.46
N ALA A 20 0.69 -11.77 3.39
CA ALA A 20 1.89 -12.36 3.98
C ALA A 20 1.57 -13.11 5.26
N ARG A 21 0.42 -13.76 5.30
CA ARG A 21 0.00 -14.51 6.47
C ARG A 21 -0.74 -15.79 6.07
N ASN A 1 -7.77 11.94 -1.86
CA ASN A 1 -8.15 10.91 -2.85
C ASN A 1 -7.18 9.74 -2.83
N VAL A 2 -7.63 8.59 -3.35
CA VAL A 2 -6.80 7.40 -3.37
C VAL A 2 -5.78 7.47 -4.50
N GLU A 3 -6.08 8.26 -5.53
CA GLU A 3 -5.19 8.40 -6.67
C GLU A 3 -3.88 9.07 -6.25
N TYR A 4 -3.03 8.32 -5.57
CA TYR A 4 -1.75 8.83 -5.10
C TYR A 4 -0.67 7.75 -5.16
N THR A 5 0.57 8.17 -5.29
CA THR A 5 1.69 7.24 -5.36
C THR A 5 2.22 6.91 -3.96
N PHE A 6 2.51 7.96 -3.19
CA PHE A 6 3.02 7.79 -1.83
C PHE A 6 2.14 6.83 -1.03
N THR A 7 0.92 7.29 -0.73
CA THR A 7 0.00 6.47 0.03
C THR A 7 -0.19 5.11 -0.65
N GLY A 8 -0.16 5.12 -1.99
CA GLY A 8 -0.29 3.89 -2.73
C GLY A 8 0.74 2.88 -2.33
N ILE A 9 1.89 3.37 -1.88
CA ILE A 9 2.99 2.52 -1.44
C ILE A 9 2.67 1.95 -0.06
N TYR A 10 2.23 2.83 0.82
CA TYR A 10 1.90 2.48 2.19
C TYR A 10 0.67 1.59 2.25
N THR A 11 -0.31 1.89 1.43
CA THR A 11 -1.53 1.11 1.36
C THR A 11 -1.20 -0.32 0.96
N PHE A 12 -0.47 -0.41 -0.14
CA PHE A 12 -0.04 -1.67 -0.68
C PHE A 12 0.79 -2.42 0.36
N GLU A 13 1.43 -1.67 1.26
CA GLU A 13 2.23 -2.28 2.31
C GLU A 13 1.34 -3.07 3.25
N SER A 14 0.26 -2.43 3.70
CA SER A 14 -0.69 -3.10 4.58
C SER A 14 -1.28 -4.29 3.86
N LEU A 15 -1.56 -4.10 2.57
CA LEU A 15 -2.10 -5.15 1.73
C LEU A 15 -1.18 -6.37 1.79
N ILE A 16 0.07 -6.14 1.41
CA ILE A 16 1.10 -7.18 1.42
C ILE A 16 1.09 -7.94 2.75
N LYS A 17 0.83 -7.19 3.82
CA LYS A 17 0.78 -7.76 5.17
C LYS A 17 -0.38 -8.75 5.28
N ILE A 18 -1.48 -8.44 4.62
CA ILE A 18 -2.66 -9.29 4.64
C ILE A 18 -2.39 -10.62 3.97
N LEU A 19 -1.76 -10.55 2.80
CA LEU A 19 -1.43 -11.75 2.04
C LEU A 19 -0.12 -12.40 2.51
N ALA A 20 0.47 -11.87 3.59
CA ALA A 20 1.72 -12.41 4.10
C ALA A 20 1.54 -13.01 5.48
N ARG A 21 0.37 -13.61 5.71
CA ARG A 21 0.07 -14.23 7.01
C ARG A 21 -0.33 -15.69 6.84
N ASN A 1 4.34 12.89 -10.29
CA ASN A 1 4.11 11.86 -9.25
C ASN A 1 4.55 12.37 -7.88
N VAL A 2 3.73 13.24 -7.30
CA VAL A 2 4.03 13.81 -5.98
C VAL A 2 2.99 13.39 -4.94
N GLU A 3 1.81 13.00 -5.40
CA GLU A 3 0.73 12.58 -4.50
C GLU A 3 -0.12 11.50 -5.13
N TYR A 4 0.33 10.25 -5.03
CA TYR A 4 -0.40 9.12 -5.58
C TYR A 4 0.33 7.81 -5.29
N THR A 5 1.63 7.83 -5.46
CA THR A 5 2.46 6.65 -5.23
C THR A 5 2.77 6.48 -3.75
N PHE A 6 2.99 7.61 -3.07
CA PHE A 6 3.30 7.60 -1.65
C PHE A 6 2.31 6.72 -0.88
N THR A 7 1.07 7.19 -0.77
CA THR A 7 0.04 6.45 -0.07
C THR A 7 -0.14 5.08 -0.71
N GLY A 8 0.04 5.01 -2.02
CA GLY A 8 -0.11 3.75 -2.71
C GLY A 8 0.83 2.71 -2.15
N ILE A 9 2.06 3.11 -1.89
CA ILE A 9 3.08 2.22 -1.33
C ILE A 9 2.68 1.74 0.05
N TYR A 10 2.16 2.66 0.86
CA TYR A 10 1.76 2.36 2.22
C TYR A 10 0.46 1.56 2.26
N THR A 11 -0.52 2.03 1.51
CA THR A 11 -1.81 1.35 1.44
C THR A 11 -1.59 -0.10 1.01
N PHE A 12 -0.84 -0.22 -0.08
CA PHE A 12 -0.50 -1.50 -0.65
C PHE A 12 0.41 -2.27 0.29
N GLU A 13 1.11 -1.55 1.17
CA GLU A 13 2.01 -2.20 2.12
C GLU A 13 1.19 -3.02 3.10
N SER A 14 0.13 -2.42 3.64
CA SER A 14 -0.75 -3.12 4.56
C SER A 14 -1.39 -4.30 3.85
N LEU A 15 -1.70 -4.10 2.58
CA LEU A 15 -2.27 -5.16 1.75
C LEU A 15 -1.31 -6.33 1.74
N ILE A 16 -0.07 -6.05 1.35
CA ILE A 16 0.98 -7.06 1.31
C ILE A 16 1.05 -7.78 2.65
N LYS A 17 0.98 -7.00 3.71
CA LYS A 17 1.02 -7.53 5.06
C LYS A 17 -0.05 -8.59 5.26
N ILE A 18 -1.20 -8.39 4.61
CA ILE A 18 -2.30 -9.33 4.70
C ILE A 18 -1.95 -10.65 4.04
N LEU A 19 -1.59 -10.58 2.77
CA LEU A 19 -1.22 -11.77 2.02
C LEU A 19 0.06 -12.38 2.55
N ALA A 20 0.87 -11.58 3.24
CA ALA A 20 2.13 -12.06 3.80
C ALA A 20 1.89 -13.17 4.81
N ARG A 21 0.82 -13.04 5.58
CA ARG A 21 0.48 -14.04 6.59
C ARG A 21 -0.08 -15.30 5.92
N ASN A 1 -2.09 15.42 -10.88
CA ASN A 1 -2.00 14.07 -10.25
C ASN A 1 -0.55 13.75 -9.87
N VAL A 2 -0.05 14.43 -8.86
CA VAL A 2 1.32 14.22 -8.39
C VAL A 2 1.34 13.29 -7.19
N GLU A 3 0.80 13.76 -6.07
CA GLU A 3 0.77 12.98 -4.85
C GLU A 3 -0.30 11.90 -4.93
N TYR A 4 0.13 10.64 -4.90
CA TYR A 4 -0.78 9.51 -4.96
C TYR A 4 -0.04 8.18 -4.83
N THR A 5 1.09 8.07 -5.52
CA THR A 5 1.90 6.86 -5.46
C THR A 5 2.42 6.61 -4.06
N PHE A 6 2.81 7.68 -3.38
CA PHE A 6 3.33 7.57 -2.01
C PHE A 6 2.39 6.77 -1.14
N THR A 7 1.22 7.34 -0.87
CA THR A 7 0.23 6.67 -0.02
C THR A 7 -0.05 5.26 -0.53
N GLY A 8 -0.20 5.13 -1.84
CA GLY A 8 -0.45 3.81 -2.44
C GLY A 8 0.58 2.80 -1.98
N ILE A 9 1.84 3.19 -2.03
CA ILE A 9 2.92 2.34 -1.60
C ILE A 9 2.67 1.84 -0.17
N TYR A 10 2.20 2.75 0.66
CA TYR A 10 1.91 2.44 2.05
C TYR A 10 0.63 1.64 2.17
N THR A 11 -0.37 2.02 1.40
CA THR A 11 -1.66 1.32 1.37
C THR A 11 -1.40 -0.15 1.08
N PHE A 12 -0.74 -0.35 -0.05
CA PHE A 12 -0.37 -1.65 -0.51
C PHE A 12 0.41 -2.38 0.57
N GLU A 13 1.21 -1.61 1.31
CA GLU A 13 2.02 -2.16 2.40
C GLU A 13 1.14 -3.01 3.32
N SER A 14 0.06 -2.41 3.79
CA SER A 14 -0.88 -3.12 4.65
C SER A 14 -1.44 -4.31 3.88
N LEU A 15 -1.58 -4.14 2.57
CA LEU A 15 -2.07 -5.19 1.70
C LEU A 15 -1.06 -6.34 1.66
N ILE A 16 0.23 -5.99 1.63
CA ILE A 16 1.28 -7.00 1.62
C ILE A 16 1.22 -7.80 2.92
N LYS A 17 0.83 -7.12 4.00
CA LYS A 17 0.72 -7.76 5.30
C LYS A 17 -0.36 -8.82 5.28
N ILE A 18 -1.44 -8.53 4.56
CA ILE A 18 -2.56 -9.46 4.44
C ILE A 18 -2.13 -10.74 3.73
N LEU A 19 -1.58 -10.59 2.52
CA LEU A 19 -1.14 -11.73 1.74
C LEU A 19 0.04 -12.45 2.42
N ALA A 20 0.74 -11.73 3.29
CA ALA A 20 1.89 -12.31 3.99
C ALA A 20 1.53 -13.64 4.63
N ARG A 21 0.37 -13.71 5.26
CA ARG A 21 -0.08 -14.94 5.91
C ARG A 21 -1.36 -15.45 5.26
N ASN A 1 1.47 18.53 -6.78
CA ASN A 1 0.79 17.25 -7.10
C ASN A 1 -0.42 17.02 -6.20
N VAL A 2 -1.18 15.98 -6.49
CA VAL A 2 -2.37 15.65 -5.72
C VAL A 2 -2.07 14.67 -4.58
N GLU A 3 -0.90 14.05 -4.63
CA GLU A 3 -0.51 13.09 -3.61
C GLU A 3 -1.37 11.84 -3.65
N TYR A 4 -0.74 10.70 -3.89
CA TYR A 4 -1.45 9.43 -3.96
C TYR A 4 -0.48 8.26 -4.10
N THR A 5 0.54 8.44 -4.94
CA THR A 5 1.53 7.41 -5.16
C THR A 5 2.21 7.03 -3.85
N PHE A 6 2.56 8.03 -3.05
CA PHE A 6 3.21 7.81 -1.78
C PHE A 6 2.38 6.87 -0.90
N THR A 7 1.19 7.31 -0.56
CA THR A 7 0.31 6.49 0.25
C THR A 7 0.05 5.17 -0.43
N GLY A 8 -0.17 5.24 -1.74
CA GLY A 8 -0.41 4.05 -2.54
C GLY A 8 0.61 2.97 -2.23
N ILE A 9 1.81 3.41 -1.88
CA ILE A 9 2.90 2.50 -1.52
C ILE A 9 2.64 1.95 -0.14
N TYR A 10 2.15 2.82 0.74
CA TYR A 10 1.88 2.43 2.11
C TYR A 10 0.62 1.60 2.23
N THR A 11 -0.35 1.91 1.37
CA THR A 11 -1.60 1.18 1.33
C THR A 11 -1.28 -0.26 0.93
N PHE A 12 -0.66 -0.37 -0.22
CA PHE A 12 -0.25 -1.63 -0.77
C PHE A 12 0.59 -2.40 0.23
N GLU A 13 1.34 -1.68 1.05
CA GLU A 13 2.16 -2.33 2.06
C GLU A 13 1.26 -3.05 3.04
N SER A 14 0.13 -2.42 3.37
CA SER A 14 -0.84 -3.03 4.26
C SER A 14 -1.40 -4.29 3.62
N LEU A 15 -1.62 -4.20 2.31
CA LEU A 15 -2.10 -5.34 1.55
C LEU A 15 -1.16 -6.52 1.72
N ILE A 16 0.08 -6.31 1.28
CA ILE A 16 1.13 -7.32 1.40
C ILE A 16 1.14 -7.93 2.80
N LYS A 17 0.80 -7.11 3.79
CA LYS A 17 0.76 -7.55 5.17
C LYS A 17 -0.33 -8.59 5.38
N ILE A 18 -1.44 -8.41 4.67
CA ILE A 18 -2.57 -9.33 4.76
C ILE A 18 -2.20 -10.70 4.21
N LEU A 19 -1.66 -10.72 2.99
CA LEU A 19 -1.27 -11.96 2.35
C LEU A 19 -0.01 -12.53 3.01
N ALA A 20 0.78 -11.66 3.61
CA ALA A 20 2.01 -12.07 4.28
C ALA A 20 1.72 -13.06 5.40
N ARG A 21 0.85 -12.66 6.32
CA ARG A 21 0.48 -13.52 7.45
C ARG A 21 -0.85 -14.20 7.19
N ASN A 1 -8.14 8.53 -2.20
CA ASN A 1 -8.41 7.13 -2.66
C ASN A 1 -7.39 6.70 -3.72
N VAL A 2 -6.23 6.25 -3.27
CA VAL A 2 -5.17 5.80 -4.17
C VAL A 2 -4.86 6.85 -5.22
N GLU A 3 -5.16 8.11 -4.91
CA GLU A 3 -4.91 9.21 -5.82
C GLU A 3 -3.42 9.55 -5.88
N TYR A 4 -2.72 9.30 -4.78
CA TYR A 4 -1.29 9.56 -4.70
C TYR A 4 -0.48 8.28 -4.88
N THR A 5 0.83 8.44 -5.07
CA THR A 5 1.71 7.29 -5.25
C THR A 5 2.30 6.85 -3.91
N PHE A 6 2.84 7.81 -3.18
CA PHE A 6 3.45 7.54 -1.88
C PHE A 6 2.51 6.72 -1.00
N THR A 7 1.37 7.30 -0.66
CA THR A 7 0.40 6.63 0.17
C THR A 7 0.04 5.26 -0.42
N GLY A 8 -0.01 5.19 -1.74
CA GLY A 8 -0.32 3.93 -2.39
C GLY A 8 0.64 2.84 -1.95
N ILE A 9 1.92 3.19 -1.90
CA ILE A 9 2.95 2.26 -1.46
C ILE A 9 2.62 1.75 -0.07
N TYR A 10 2.21 2.67 0.79
CA TYR A 10 1.87 2.35 2.15
C TYR A 10 0.56 1.60 2.25
N THR A 11 -0.42 2.02 1.46
CA THR A 11 -1.70 1.35 1.44
C THR A 11 -1.49 -0.09 0.99
N PHE A 12 -0.86 -0.19 -0.17
CA PHE A 12 -0.54 -1.47 -0.75
C PHE A 12 0.34 -2.28 0.19
N GLU A 13 1.05 -1.60 1.09
CA GLU A 13 1.89 -2.29 2.05
C GLU A 13 1.02 -3.07 3.02
N SER A 14 -0.07 -2.46 3.45
CA SER A 14 -1.00 -3.11 4.36
C SER A 14 -1.57 -4.33 3.66
N LEU A 15 -1.80 -4.20 2.36
CA LEU A 15 -2.30 -5.30 1.55
C LEU A 15 -1.33 -6.46 1.67
N ILE A 16 -0.09 -6.23 1.22
CA ILE A 16 0.96 -7.24 1.30
C ILE A 16 0.99 -7.88 2.68
N LYS A 17 0.87 -7.04 3.70
CA LYS A 17 0.87 -7.51 5.08
C LYS A 17 -0.18 -8.61 5.26
N ILE A 18 -1.33 -8.41 4.66
CA ILE A 18 -2.41 -9.40 4.72
C ILE A 18 -1.98 -10.70 4.08
N LEU A 19 -1.21 -10.57 3.00
CA LEU A 19 -0.70 -11.73 2.28
C LEU A 19 0.37 -12.43 3.09
N ALA A 20 1.25 -11.65 3.69
CA ALA A 20 2.33 -12.19 4.51
C ALA A 20 1.93 -12.24 5.98
N ARG A 21 0.71 -12.72 6.24
CA ARG A 21 0.22 -12.82 7.60
C ARG A 21 1.21 -13.55 8.49
N ASN A 1 -1.29 15.13 -9.10
CA ASN A 1 -0.63 13.88 -8.67
C ASN A 1 0.73 14.15 -8.06
N VAL A 2 0.74 14.83 -6.91
CA VAL A 2 1.98 15.16 -6.23
C VAL A 2 2.20 14.27 -5.01
N GLU A 3 1.12 14.00 -4.29
CA GLU A 3 1.19 13.14 -3.09
C GLU A 3 0.11 12.06 -3.15
N TYR A 4 0.33 11.08 -4.02
CA TYR A 4 -0.61 9.97 -4.16
C TYR A 4 0.13 8.64 -4.20
N THR A 5 1.14 8.56 -5.05
CA THR A 5 1.94 7.34 -5.19
C THR A 5 2.43 6.88 -3.81
N PHE A 6 2.97 7.82 -3.06
CA PHE A 6 3.48 7.56 -1.72
C PHE A 6 2.50 6.72 -0.91
N THR A 7 1.36 7.31 -0.61
CA THR A 7 0.33 6.65 0.17
C THR A 7 0.00 5.28 -0.43
N GLY A 8 -0.08 5.23 -1.76
CA GLY A 8 -0.38 3.98 -2.43
C GLY A 8 0.58 2.88 -1.99
N ILE A 9 1.86 3.23 -1.94
CA ILE A 9 2.90 2.30 -1.52
C ILE A 9 2.58 1.77 -0.12
N TYR A 10 2.16 2.67 0.75
CA TYR A 10 1.85 2.32 2.13
C TYR A 10 0.54 1.54 2.23
N THR A 11 -0.48 1.99 1.51
CA THR A 11 -1.76 1.31 1.51
C THR A 11 -1.53 -0.11 1.00
N PHE A 12 -0.89 -0.18 -0.14
CA PHE A 12 -0.55 -1.43 -0.76
C PHE A 12 0.37 -2.22 0.16
N GLU A 13 1.08 -1.53 1.04
CA GLU A 13 1.95 -2.21 1.98
C GLU A 13 1.10 -2.99 2.97
N SER A 14 -0.07 -2.42 3.29
CA SER A 14 -1.00 -3.07 4.18
C SER A 14 -1.45 -4.38 3.53
N LEU A 15 -1.73 -4.31 2.23
CA LEU A 15 -2.13 -5.48 1.46
C LEU A 15 -1.11 -6.59 1.66
N ILE A 16 0.12 -6.33 1.21
CA ILE A 16 1.23 -7.26 1.32
C ILE A 16 1.28 -7.90 2.72
N LYS A 17 0.91 -7.13 3.73
CA LYS A 17 0.92 -7.61 5.10
C LYS A 17 -0.20 -8.62 5.32
N ILE A 18 -1.36 -8.36 4.72
CA ILE A 18 -2.50 -9.24 4.85
C ILE A 18 -2.21 -10.60 4.24
N LEU A 19 -1.45 -10.61 3.16
CA LEU A 19 -1.09 -11.83 2.47
C LEU A 19 0.29 -12.35 2.89
N ALA A 20 0.86 -11.77 3.96
CA ALA A 20 2.16 -12.21 4.44
C ALA A 20 2.09 -13.58 5.10
N ARG A 21 1.27 -13.68 6.13
CA ARG A 21 1.11 -14.93 6.86
C ARG A 21 -0.34 -15.42 6.80
N ASN A 1 1.33 14.53 -11.83
CA ASN A 1 1.09 13.60 -10.69
C ASN A 1 -0.32 13.74 -10.15
N VAL A 2 -1.20 12.83 -10.56
CA VAL A 2 -2.59 12.86 -10.12
C VAL A 2 -2.80 11.93 -8.92
N GLU A 3 -2.19 10.76 -8.97
CA GLU A 3 -2.30 9.78 -7.90
C GLU A 3 -1.10 9.83 -6.98
N TYR A 4 -1.35 9.93 -5.68
CA TYR A 4 -0.28 9.98 -4.69
C TYR A 4 0.36 8.61 -4.53
N THR A 5 1.44 8.37 -5.28
CA THR A 5 2.15 7.10 -5.24
C THR A 5 2.61 6.77 -3.82
N PHE A 6 3.01 7.79 -3.08
CA PHE A 6 3.49 7.60 -1.72
C PHE A 6 2.56 6.72 -0.91
N THR A 7 1.37 7.23 -0.61
CA THR A 7 0.41 6.47 0.14
C THR A 7 0.11 5.16 -0.56
N GLY A 8 -0.05 5.24 -1.87
CA GLY A 8 -0.32 4.05 -2.67
C GLY A 8 0.62 2.92 -2.32
N ILE A 9 1.82 3.28 -1.87
CA ILE A 9 2.84 2.33 -1.47
C ILE A 9 2.53 1.82 -0.06
N TYR A 10 2.05 2.74 0.78
CA TYR A 10 1.73 2.41 2.15
C TYR A 10 0.43 1.63 2.26
N THR A 11 -0.53 1.99 1.42
CA THR A 11 -1.81 1.31 1.38
C THR A 11 -1.58 -0.13 0.93
N PHE A 12 -0.86 -0.24 -0.18
CA PHE A 12 -0.52 -1.52 -0.74
C PHE A 12 0.38 -2.28 0.22
N GLU A 13 1.07 -1.55 1.09
CA GLU A 13 1.95 -2.19 2.08
C GLU A 13 1.10 -3.01 3.03
N SER A 14 0.04 -2.38 3.55
CA SER A 14 -0.87 -3.06 4.45
C SER A 14 -1.41 -4.31 3.78
N LEU A 15 -1.69 -4.18 2.48
CA LEU A 15 -2.17 -5.29 1.69
C LEU A 15 -1.18 -6.45 1.79
N ILE A 16 0.03 -6.19 1.30
CA ILE A 16 1.12 -7.17 1.34
C ILE A 16 1.19 -7.88 2.68
N LYS A 17 0.92 -7.14 3.76
CA LYS A 17 0.94 -7.70 5.10
C LYS A 17 -0.16 -8.73 5.26
N ILE A 18 -1.32 -8.44 4.66
CA ILE A 18 -2.45 -9.36 4.72
C ILE A 18 -2.10 -10.70 4.14
N LEU A 19 -1.48 -10.67 2.97
CA LEU A 19 -1.07 -11.90 2.28
C LEU A 19 0.30 -12.40 2.77
N ALA A 20 0.79 -11.84 3.88
CA ALA A 20 2.08 -12.25 4.43
C ALA A 20 2.05 -12.27 5.96
N ARG A 21 0.99 -12.86 6.51
CA ARG A 21 0.84 -12.95 7.96
C ARG A 21 1.97 -13.76 8.58
N ASN A 1 -9.21 12.13 -8.82
CA ASN A 1 -7.94 12.03 -8.07
C ASN A 1 -8.04 11.01 -6.93
N VAL A 2 -7.29 9.92 -7.05
CA VAL A 2 -7.30 8.87 -6.04
C VAL A 2 -6.02 8.04 -6.09
N GLU A 3 -5.61 7.67 -7.29
CA GLU A 3 -4.40 6.86 -7.48
C GLU A 3 -3.16 7.66 -7.10
N TYR A 4 -2.51 7.27 -6.02
CA TYR A 4 -1.30 7.94 -5.56
C TYR A 4 -0.18 6.95 -5.30
N THR A 5 1.05 7.34 -5.62
CA THR A 5 2.20 6.48 -5.43
C THR A 5 2.57 6.35 -3.95
N PHE A 6 2.96 7.46 -3.35
CA PHE A 6 3.35 7.50 -1.94
C PHE A 6 2.37 6.70 -1.07
N THR A 7 1.16 7.22 -0.94
CA THR A 7 0.15 6.55 -0.14
C THR A 7 -0.10 5.14 -0.66
N GLY A 8 -0.17 5.00 -1.98
CA GLY A 8 -0.39 3.70 -2.56
C GLY A 8 0.62 2.68 -2.06
N ILE A 9 1.85 3.14 -1.85
CA ILE A 9 2.91 2.29 -1.34
C ILE A 9 2.58 1.81 0.06
N TYR A 10 2.16 2.76 0.89
CA TYR A 10 1.81 2.47 2.27
C TYR A 10 0.53 1.65 2.36
N THR A 11 -0.45 2.05 1.57
CA THR A 11 -1.73 1.36 1.51
C THR A 11 -1.48 -0.10 1.14
N PHE A 12 -0.82 -0.26 0.01
CA PHE A 12 -0.48 -1.56 -0.52
C PHE A 12 0.42 -2.30 0.46
N GLU A 13 1.25 -1.55 1.17
CA GLU A 13 2.16 -2.15 2.15
C GLU A 13 1.34 -2.97 3.15
N SER A 14 0.23 -2.41 3.60
CA SER A 14 -0.65 -3.10 4.53
C SER A 14 -1.30 -4.27 3.80
N LEU A 15 -1.55 -4.07 2.51
CA LEU A 15 -2.15 -5.12 1.69
C LEU A 15 -1.18 -6.30 1.61
N ILE A 16 0.11 -5.98 1.60
CA ILE A 16 1.14 -7.01 1.57
C ILE A 16 1.10 -7.79 2.87
N LYS A 17 0.83 -7.07 3.96
CA LYS A 17 0.74 -7.68 5.28
C LYS A 17 -0.34 -8.75 5.28
N ILE A 18 -1.43 -8.48 4.55
CA ILE A 18 -2.53 -9.42 4.46
C ILE A 18 -2.07 -10.71 3.79
N LEU A 19 -1.60 -10.59 2.55
CA LEU A 19 -1.12 -11.75 1.81
C LEU A 19 0.18 -12.32 2.40
N ALA A 20 0.81 -11.56 3.29
CA ALA A 20 2.06 -12.01 3.91
C ALA A 20 1.90 -13.37 4.58
N ARG A 21 0.68 -13.71 4.95
CA ARG A 21 0.41 -14.98 5.62
C ARG A 21 -0.83 -15.66 5.02
N ASN A 1 -2.10 17.32 -7.47
CA ASN A 1 -1.66 15.93 -7.79
C ASN A 1 -2.45 14.91 -6.98
N VAL A 2 -3.57 14.46 -7.52
CA VAL A 2 -4.42 13.48 -6.84
C VAL A 2 -3.77 12.11 -6.84
N GLU A 3 -2.95 11.84 -7.86
CA GLU A 3 -2.27 10.55 -7.96
C GLU A 3 -1.27 10.37 -6.83
N TYR A 4 -1.77 9.95 -5.66
CA TYR A 4 -0.93 9.74 -4.50
C TYR A 4 -0.20 8.40 -4.58
N THR A 5 1.06 8.44 -4.98
CA THR A 5 1.86 7.24 -5.12
C THR A 5 2.45 6.82 -3.77
N PHE A 6 2.96 7.80 -3.03
CA PHE A 6 3.56 7.56 -1.72
C PHE A 6 2.64 6.69 -0.86
N THR A 7 1.42 7.17 -0.65
CA THR A 7 0.45 6.42 0.13
C THR A 7 0.15 5.09 -0.55
N GLY A 8 0.00 5.16 -1.88
CA GLY A 8 -0.26 3.95 -2.66
C GLY A 8 0.69 2.83 -2.29
N ILE A 9 1.89 3.22 -1.87
CA ILE A 9 2.91 2.28 -1.44
C ILE A 9 2.60 1.80 -0.04
N TYR A 10 2.11 2.72 0.79
CA TYR A 10 1.79 2.38 2.17
C TYR A 10 0.48 1.60 2.28
N THR A 11 -0.53 2.02 1.54
CA THR A 11 -1.82 1.35 1.53
C THR A 11 -1.61 -0.10 1.08
N PHE A 12 -0.97 -0.22 -0.07
CA PHE A 12 -0.65 -1.50 -0.65
C PHE A 12 0.22 -2.28 0.30
N GLU A 13 1.04 -1.56 1.07
CA GLU A 13 1.90 -2.21 2.04
C GLU A 13 1.05 -3.00 3.02
N SER A 14 -0.09 -2.42 3.38
CA SER A 14 -1.03 -3.07 4.29
C SER A 14 -1.54 -4.33 3.63
N LEU A 15 -1.87 -4.23 2.35
CA LEU A 15 -2.34 -5.35 1.58
C LEU A 15 -1.31 -6.48 1.65
N ILE A 16 -0.08 -6.16 1.24
CA ILE A 16 1.02 -7.14 1.27
C ILE A 16 1.08 -7.82 2.64
N LYS A 17 0.94 -7.01 3.68
CA LYS A 17 0.97 -7.52 5.05
C LYS A 17 -0.06 -8.62 5.24
N ILE A 18 -1.26 -8.39 4.72
CA ILE A 18 -2.34 -9.36 4.82
C ILE A 18 -1.92 -10.70 4.24
N LEU A 19 -1.38 -10.65 3.02
CA LEU A 19 -0.92 -11.85 2.34
C LEU A 19 0.51 -12.24 2.74
N ALA A 20 1.03 -11.61 3.79
CA ALA A 20 2.39 -11.90 4.26
C ALA A 20 2.38 -12.38 5.70
N ARG A 21 1.26 -12.94 6.13
CA ARG A 21 1.12 -13.43 7.49
C ARG A 21 1.60 -14.88 7.60
N ASN A 1 3.33 13.62 -8.48
CA ASN A 1 2.52 13.12 -7.35
C ASN A 1 3.13 13.53 -6.02
N VAL A 2 2.32 14.11 -5.14
CA VAL A 2 2.79 14.53 -3.82
C VAL A 2 2.31 13.58 -2.73
N GLU A 3 1.02 13.28 -2.73
CA GLU A 3 0.44 12.40 -1.73
C GLU A 3 -0.42 11.32 -2.39
N TYR A 4 -0.16 11.05 -3.66
CA TYR A 4 -0.90 10.02 -4.40
C TYR A 4 -0.14 8.70 -4.41
N THR A 5 0.94 8.66 -5.18
CA THR A 5 1.76 7.46 -5.28
C THR A 5 2.25 7.02 -3.91
N PHE A 6 2.78 7.97 -3.15
CA PHE A 6 3.29 7.72 -1.80
C PHE A 6 2.37 6.80 -1.00
N THR A 7 1.20 7.32 -0.66
CA THR A 7 0.23 6.56 0.10
C THR A 7 -0.01 5.19 -0.53
N GLY A 8 0.00 5.15 -1.86
CA GLY A 8 -0.20 3.90 -2.57
C GLY A 8 0.75 2.84 -2.08
N ILE A 9 2.01 3.23 -1.90
CA ILE A 9 3.03 2.32 -1.42
C ILE A 9 2.65 1.81 -0.03
N TYR A 10 2.21 2.74 0.81
CA TYR A 10 1.84 2.41 2.18
C TYR A 10 0.56 1.59 2.24
N THR A 11 -0.42 1.96 1.43
CA THR A 11 -1.68 1.24 1.38
C THR A 11 -1.41 -0.20 0.94
N PHE A 12 -0.74 -0.30 -0.20
CA PHE A 12 -0.36 -1.57 -0.77
C PHE A 12 0.48 -2.37 0.23
N GLU A 13 1.13 -1.67 1.15
CA GLU A 13 1.94 -2.34 2.16
C GLU A 13 1.05 -3.15 3.09
N SER A 14 0.02 -2.49 3.64
CA SER A 14 -0.92 -3.18 4.52
C SER A 14 -1.52 -4.37 3.79
N LEU A 15 -1.77 -4.19 2.50
CA LEU A 15 -2.30 -5.26 1.67
C LEU A 15 -1.33 -6.42 1.70
N ILE A 16 -0.11 -6.13 1.28
CA ILE A 16 0.96 -7.12 1.27
C ILE A 16 1.07 -7.80 2.64
N LYS A 17 0.88 -7.00 3.68
CA LYS A 17 0.93 -7.50 5.04
C LYS A 17 -0.12 -8.57 5.26
N ILE A 18 -1.29 -8.38 4.63
CA ILE A 18 -2.38 -9.33 4.75
C ILE A 18 -1.99 -10.69 4.18
N LEU A 19 -1.53 -10.67 2.93
CA LEU A 19 -1.12 -11.89 2.25
C LEU A 19 0.22 -12.41 2.77
N ALA A 20 0.93 -11.59 3.56
CA ALA A 20 2.22 -11.99 4.10
C ALA A 20 2.17 -13.40 4.72
N ARG A 21 1.02 -13.75 5.27
CA ARG A 21 0.84 -15.06 5.88
C ARG A 21 -0.07 -15.95 5.03
N ASN A 1 -2.28 17.05 -2.16
CA ASN A 1 -0.95 16.45 -2.39
C ASN A 1 -0.55 16.53 -3.86
N VAL A 2 0.71 16.20 -4.15
CA VAL A 2 1.21 16.23 -5.53
C VAL A 2 1.53 14.83 -6.01
N GLU A 3 2.14 14.02 -5.14
CA GLU A 3 2.48 12.65 -5.48
C GLU A 3 1.71 11.67 -4.60
N TYR A 4 0.68 11.07 -5.16
CA TYR A 4 -0.15 10.13 -4.42
C TYR A 4 0.46 8.74 -4.39
N THR A 5 1.41 8.48 -5.28
CA THR A 5 2.07 7.17 -5.33
C THR A 5 2.58 6.76 -3.95
N PHE A 6 2.97 7.76 -3.16
CA PHE A 6 3.47 7.53 -1.81
C PHE A 6 2.49 6.66 -1.01
N THR A 7 1.30 7.19 -0.79
CA THR A 7 0.27 6.48 -0.06
C THR A 7 -0.01 5.13 -0.71
N GLY A 8 0.00 5.10 -2.04
CA GLY A 8 -0.24 3.86 -2.75
C GLY A 8 0.68 2.75 -2.26
N ILE A 9 1.88 3.14 -1.87
CA ILE A 9 2.88 2.21 -1.36
C ILE A 9 2.49 1.74 0.03
N TYR A 10 2.12 2.69 0.87
CA TYR A 10 1.74 2.41 2.25
C TYR A 10 0.44 1.64 2.32
N THR A 11 -0.52 2.04 1.49
CA THR A 11 -1.81 1.38 1.44
C THR A 11 -1.61 -0.08 1.05
N PHE A 12 -0.90 -0.26 -0.04
CA PHE A 12 -0.59 -1.57 -0.55
C PHE A 12 0.27 -2.31 0.44
N GLU A 13 1.09 -1.57 1.17
CA GLU A 13 1.97 -2.16 2.17
C GLU A 13 1.14 -2.99 3.14
N SER A 14 0.11 -2.36 3.71
CA SER A 14 -0.77 -3.06 4.63
C SER A 14 -1.39 -4.25 3.90
N LEU A 15 -1.61 -4.06 2.60
CA LEU A 15 -2.16 -5.11 1.77
C LEU A 15 -1.17 -6.27 1.67
N ILE A 16 0.10 -5.96 1.41
CA ILE A 16 1.13 -6.99 1.35
C ILE A 16 1.13 -7.82 2.63
N LYS A 17 0.95 -7.15 3.75
CA LYS A 17 0.92 -7.82 5.05
C LYS A 17 -0.18 -8.87 5.07
N ILE A 18 -1.37 -8.49 4.63
CA ILE A 18 -2.50 -9.41 4.60
C ILE A 18 -2.13 -10.69 3.85
N LEU A 19 -1.35 -10.52 2.80
CA LEU A 19 -0.90 -11.66 2.00
C LEU A 19 0.14 -12.47 2.78
N ALA A 20 0.99 -11.77 3.50
CA ALA A 20 2.03 -12.42 4.29
C ALA A 20 1.43 -13.30 5.39
N ARG A 21 0.31 -12.86 5.93
CA ARG A 21 -0.36 -13.61 6.99
C ARG A 21 -1.30 -14.65 6.41
N ASN A 1 -6.33 12.99 -1.07
CA ASN A 1 -5.41 12.17 -1.92
C ASN A 1 -5.96 10.77 -2.16
N VAL A 2 -6.81 10.64 -3.16
CA VAL A 2 -7.41 9.35 -3.51
C VAL A 2 -6.46 8.53 -4.37
N GLU A 3 -5.81 9.18 -5.32
CA GLU A 3 -4.88 8.52 -6.22
C GLU A 3 -3.49 9.12 -6.09
N TYR A 4 -2.63 8.47 -5.31
CA TYR A 4 -1.27 8.93 -5.10
C TYR A 4 -0.31 7.75 -4.95
N THR A 5 0.90 7.90 -5.49
CA THR A 5 1.90 6.85 -5.43
C THR A 5 2.38 6.64 -4.00
N PHE A 6 2.74 7.73 -3.33
CA PHE A 6 3.22 7.68 -1.96
C PHE A 6 2.31 6.81 -1.09
N THR A 7 1.11 7.29 -0.85
CA THR A 7 0.15 6.56 -0.05
C THR A 7 -0.11 5.18 -0.64
N GLY A 8 -0.12 5.10 -1.96
CA GLY A 8 -0.34 3.82 -2.62
C GLY A 8 0.67 2.79 -2.17
N ILE A 9 1.90 3.24 -1.97
CA ILE A 9 2.98 2.38 -1.53
C ILE A 9 2.69 1.87 -0.11
N TYR A 10 2.26 2.78 0.75
CA TYR A 10 1.96 2.45 2.13
C TYR A 10 0.69 1.62 2.24
N THR A 11 -0.33 2.04 1.52
CA THR A 11 -1.61 1.34 1.51
C THR A 11 -1.38 -0.13 1.15
N PHE A 12 -0.73 -0.29 0.01
CA PHE A 12 -0.40 -1.58 -0.51
C PHE A 12 0.41 -2.34 0.51
N GLU A 13 1.21 -1.61 1.28
CA GLU A 13 2.02 -2.22 2.32
C GLU A 13 1.15 -3.06 3.24
N SER A 14 0.09 -2.44 3.75
CA SER A 14 -0.85 -3.15 4.61
C SER A 14 -1.43 -4.33 3.83
N LEU A 15 -1.55 -4.15 2.52
CA LEU A 15 -2.08 -5.18 1.65
C LEU A 15 -1.08 -6.34 1.58
N ILE A 16 0.22 -6.01 1.55
CA ILE A 16 1.25 -7.04 1.53
C ILE A 16 1.20 -7.85 2.83
N LYS A 17 0.84 -7.19 3.91
CA LYS A 17 0.75 -7.85 5.22
C LYS A 17 -0.36 -8.89 5.20
N ILE A 18 -1.51 -8.53 4.64
CA ILE A 18 -2.64 -9.43 4.57
C ILE A 18 -2.27 -10.71 3.83
N LEU A 19 -1.58 -10.55 2.71
CA LEU A 19 -1.15 -11.70 1.92
C LEU A 19 0.14 -12.31 2.46
N ALA A 20 0.89 -11.52 3.25
CA ALA A 20 2.14 -12.00 3.83
C ALA A 20 1.92 -13.20 4.74
N ARG A 21 0.70 -13.35 5.23
CA ARG A 21 0.36 -14.47 6.11
C ARG A 21 0.81 -15.79 5.50
N ASN A 1 -6.06 5.29 -1.80
CA ASN A 1 -5.68 5.99 -3.05
C ASN A 1 -6.58 7.17 -3.32
N VAL A 2 -6.22 8.34 -2.79
CA VAL A 2 -7.00 9.55 -2.98
C VAL A 2 -6.51 10.33 -4.18
N GLU A 3 -5.24 10.67 -4.17
CA GLU A 3 -4.63 11.42 -5.27
C GLU A 3 -3.11 11.51 -5.08
N TYR A 4 -2.50 10.38 -4.72
CA TYR A 4 -1.06 10.33 -4.51
C TYR A 4 -0.52 8.93 -4.76
N THR A 5 0.79 8.85 -5.00
CA THR A 5 1.44 7.57 -5.26
C THR A 5 2.05 7.00 -3.97
N PHE A 6 2.75 7.85 -3.24
CA PHE A 6 3.39 7.48 -1.98
C PHE A 6 2.45 6.67 -1.10
N THR A 7 1.29 7.26 -0.81
CA THR A 7 0.30 6.61 0.02
C THR A 7 -0.02 5.21 -0.53
N GLY A 8 0.01 5.10 -1.86
CA GLY A 8 -0.24 3.82 -2.49
C GLY A 8 0.72 2.77 -1.97
N ILE A 9 1.99 3.15 -1.87
CA ILE A 9 3.03 2.26 -1.36
C ILE A 9 2.65 1.80 0.03
N TYR A 10 2.14 2.73 0.83
CA TYR A 10 1.76 2.46 2.20
C TYR A 10 0.46 1.66 2.27
N THR A 11 -0.48 2.02 1.41
CA THR A 11 -1.76 1.32 1.36
C THR A 11 -1.49 -0.12 0.97
N PHE A 12 -0.78 -0.26 -0.13
CA PHE A 12 -0.41 -1.55 -0.67
C PHE A 12 0.44 -2.31 0.34
N GLU A 13 1.15 -1.57 1.19
CA GLU A 13 1.99 -2.19 2.19
C GLU A 13 1.13 -2.98 3.18
N SER A 14 0.02 -2.37 3.59
CA SER A 14 -0.91 -3.04 4.50
C SER A 14 -1.46 -4.29 3.82
N LEU A 15 -1.81 -4.13 2.55
CA LEU A 15 -2.31 -5.23 1.74
C LEU A 15 -1.32 -6.39 1.78
N ILE A 16 -0.09 -6.08 1.38
CA ILE A 16 0.98 -7.06 1.37
C ILE A 16 1.06 -7.80 2.70
N LYS A 17 0.90 -7.05 3.79
CA LYS A 17 0.93 -7.61 5.13
C LYS A 17 -0.12 -8.71 5.25
N ILE A 18 -1.27 -8.48 4.62
CA ILE A 18 -2.35 -9.45 4.64
C ILE A 18 -1.92 -10.75 4.00
N LEU A 19 -1.52 -10.68 2.74
CA LEU A 19 -1.07 -11.85 2.01
C LEU A 19 0.24 -12.40 2.58
N ALA A 20 1.00 -11.53 3.23
CA ALA A 20 2.27 -11.92 3.83
C ALA A 20 2.11 -13.14 4.72
N ARG A 21 1.00 -13.20 5.45
CA ARG A 21 0.73 -14.32 6.35
C ARG A 21 0.52 -15.61 5.56
N ASN A 1 1.24 16.04 -9.32
CA ASN A 1 0.10 15.71 -8.43
C ASN A 1 -1.06 15.11 -9.22
N VAL A 2 -0.82 13.95 -9.82
CA VAL A 2 -1.83 13.27 -10.60
C VAL A 2 -2.42 12.08 -9.84
N GLU A 3 -1.54 11.26 -9.28
CA GLU A 3 -1.96 10.09 -8.52
C GLU A 3 -1.18 9.98 -7.22
N TYR A 4 -1.79 9.38 -6.22
CA TYR A 4 -1.14 9.21 -4.92
C TYR A 4 -0.31 7.93 -4.88
N THR A 5 0.93 8.04 -5.36
CA THR A 5 1.84 6.90 -5.39
C THR A 5 2.37 6.60 -3.99
N PHE A 6 2.83 7.62 -3.31
CA PHE A 6 3.38 7.48 -1.96
C PHE A 6 2.44 6.67 -1.07
N THR A 7 1.30 7.27 -0.75
CA THR A 7 0.31 6.61 0.09
C THR A 7 -0.04 5.24 -0.47
N GLY A 8 -0.07 5.13 -1.80
CA GLY A 8 -0.37 3.86 -2.43
C GLY A 8 0.62 2.80 -2.03
N ILE A 9 1.89 3.19 -1.95
CA ILE A 9 2.96 2.28 -1.54
C ILE A 9 2.68 1.76 -0.15
N TYR A 10 2.21 2.66 0.71
CA TYR A 10 1.91 2.33 2.09
C TYR A 10 0.61 1.54 2.20
N THR A 11 -0.40 2.00 1.46
CA THR A 11 -1.70 1.34 1.44
C THR A 11 -1.50 -0.13 1.07
N PHE A 12 -0.85 -0.31 -0.05
CA PHE A 12 -0.53 -1.62 -0.58
C PHE A 12 0.29 -2.37 0.45
N GLU A 13 1.10 -1.62 1.20
CA GLU A 13 1.94 -2.20 2.24
C GLU A 13 1.09 -3.05 3.18
N SER A 14 0.00 -2.46 3.67
CA SER A 14 -0.92 -3.17 4.54
C SER A 14 -1.51 -4.34 3.77
N LEU A 15 -1.66 -4.15 2.46
CA LEU A 15 -2.18 -5.20 1.60
C LEU A 15 -1.18 -6.34 1.56
N ILE A 16 0.11 -6.01 1.52
CA ILE A 16 1.16 -7.01 1.54
C ILE A 16 1.11 -7.74 2.87
N LYS A 17 0.87 -6.98 3.92
CA LYS A 17 0.77 -7.51 5.28
C LYS A 17 -0.29 -8.61 5.35
N ILE A 18 -1.36 -8.44 4.57
CA ILE A 18 -2.44 -9.43 4.55
C ILE A 18 -1.96 -10.71 3.87
N LEU A 19 -1.48 -10.59 2.64
CA LEU A 19 -0.99 -11.73 1.89
C LEU A 19 0.29 -12.29 2.50
N ALA A 20 0.96 -11.49 3.34
CA ALA A 20 2.19 -11.92 3.98
C ALA A 20 2.04 -13.30 4.61
N ARG A 21 0.94 -13.49 5.33
CA ARG A 21 0.66 -14.77 5.99
C ARG A 21 1.81 -15.18 6.89
N ASN A 1 1.20 5.43 -11.79
CA ASN A 1 1.02 6.74 -12.48
C ASN A 1 -0.44 7.20 -12.44
N VAL A 2 -0.93 7.52 -11.24
CA VAL A 2 -2.30 7.96 -11.08
C VAL A 2 -2.37 9.35 -10.44
N GLU A 3 -1.67 9.50 -9.32
CA GLU A 3 -1.65 10.77 -8.60
C GLU A 3 -0.67 10.71 -7.44
N TYR A 4 -1.03 9.96 -6.41
CA TYR A 4 -0.18 9.81 -5.23
C TYR A 4 0.27 8.37 -5.08
N THR A 5 1.49 8.10 -5.51
CA THR A 5 2.06 6.76 -5.42
C THR A 5 2.56 6.47 -4.01
N PHE A 6 3.09 7.50 -3.36
CA PHE A 6 3.61 7.36 -2.00
C PHE A 6 2.60 6.66 -1.09
N THR A 7 1.43 7.26 -0.96
CA THR A 7 0.39 6.69 -0.13
C THR A 7 0.04 5.29 -0.60
N GLY A 8 -0.04 5.11 -1.91
CA GLY A 8 -0.36 3.81 -2.46
C GLY A 8 0.58 2.74 -1.93
N ILE A 9 1.87 3.09 -1.88
CA ILE A 9 2.88 2.18 -1.36
C ILE A 9 2.50 1.74 0.05
N TYR A 10 2.10 2.71 0.85
CA TYR A 10 1.71 2.45 2.23
C TYR A 10 0.41 1.68 2.31
N THR A 11 -0.56 2.08 1.50
CA THR A 11 -1.85 1.41 1.44
C THR A 11 -1.61 -0.06 1.09
N PHE A 12 -0.96 -0.25 -0.04
CA PHE A 12 -0.63 -1.55 -0.54
C PHE A 12 0.20 -2.31 0.49
N GLU A 13 1.03 -1.56 1.22
CA GLU A 13 1.88 -2.16 2.25
C GLU A 13 1.03 -3.01 3.19
N SER A 14 -0.02 -2.41 3.73
CA SER A 14 -0.93 -3.13 4.60
C SER A 14 -1.50 -4.32 3.84
N LEU A 15 -1.70 -4.11 2.54
CA LEU A 15 -2.21 -5.14 1.67
C LEU A 15 -1.19 -6.28 1.56
N ILE A 16 0.08 -5.92 1.46
CA ILE A 16 1.14 -6.93 1.40
C ILE A 16 1.15 -7.76 2.68
N LYS A 17 0.96 -7.05 3.80
CA LYS A 17 0.94 -7.70 5.11
C LYS A 17 -0.11 -8.80 5.14
N ILE A 18 -1.29 -8.51 4.60
CA ILE A 18 -2.37 -9.49 4.55
C ILE A 18 -1.91 -10.74 3.85
N LEU A 19 -1.32 -10.57 2.68
CA LEU A 19 -0.83 -11.69 1.90
C LEU A 19 0.16 -12.53 2.70
N ALA A 20 1.10 -11.86 3.34
CA ALA A 20 2.12 -12.53 4.15
C ALA A 20 1.62 -12.79 5.56
N ARG A 21 0.47 -13.44 5.67
CA ARG A 21 -0.12 -13.75 6.96
C ARG A 21 0.87 -14.50 7.85
#